data_1U6H
#
_entry.id   1U6H
#
_cell.length_a   52.122
_cell.length_b   69.154
_cell.length_c   96.162
_cell.angle_alpha   90.00
_cell.angle_beta   90.00
_cell.angle_gamma   90.00
#
_symmetry.space_group_name_H-M   'P 21 21 2'
#
loop_
_entity.id
_entity.type
_entity.pdbx_description
1 polymer Vinculin
2 polymer Talin
3 water water
#
loop_
_entity_poly.entity_id
_entity_poly.type
_entity_poly.pdbx_seq_one_letter_code
_entity_poly.pdbx_strand_id
1 'polypeptide(L)'
;MGSSHHHHHHSSGLVPRGSHMMPVFHTRTIESILEPVAQQISHLVIMHEEGEVDGKAIPDLTAPVSAVQAAVSNLVRVGK
ETVQTTEDQILKRDMPPAFIKVENACTKLVRAAQMLQADPYSVPARDYLIDGSRGILSGTSDLLLTFDEAEVRKIIRVCK
GILEYLTVAEVVETMEDLVTYTKNLGPGMTKMAKMIDERQQELTHQEHRVMLVNSMNTVKELLPVLISAMKIFVTTKNTK
SQGIEEALKNRNFTVEKMSAEINEIIRVLQLTSWDEDAWA
;
A
2 'polypeptide(L)' DLENSRKLLSAAKILADATAKMVEAAKGAAA B
#
# COMPACT_ATOMS: atom_id res chain seq x y z
N MET A 22 8.47 -3.73 13.07
CA MET A 22 9.98 -3.63 13.21
C MET A 22 10.76 -2.85 12.12
N PRO A 23 10.47 -3.02 10.82
CA PRO A 23 10.86 -2.00 9.83
C PRO A 23 9.75 -0.92 9.72
N VAL A 24 10.12 0.26 9.24
CA VAL A 24 9.19 1.38 9.23
C VAL A 24 7.87 0.97 8.55
N PHE A 25 6.74 1.39 9.08
CA PHE A 25 5.52 1.29 8.32
C PHE A 25 5.51 2.36 7.24
N HIS A 26 6.05 1.92 6.12
CA HIS A 26 5.46 2.03 4.77
C HIS A 26 4.52 3.19 4.28
N THR A 27 3.30 3.28 4.83
CA THR A 27 2.45 4.40 4.49
C THR A 27 1.90 5.08 5.77
N ARG A 28 1.38 6.28 5.61
CA ARG A 28 0.92 7.02 6.75
C ARG A 28 -0.28 6.32 7.36
N THR A 29 -1.13 5.69 6.56
CA THR A 29 -2.28 4.90 7.08
C THR A 29 -1.86 3.62 7.82
N ILE A 30 -0.97 2.83 7.21
CA ILE A 30 -0.45 1.62 7.83
C ILE A 30 0.22 2.02 9.15
N GLU A 31 1.03 3.07 9.12
CA GLU A 31 1.82 3.47 10.28
C GLU A 31 0.97 4.02 11.45
N SER A 32 -0.18 4.56 11.14
CA SER A 32 -0.92 5.20 12.18
C SER A 32 -1.90 4.18 12.73
N ILE A 33 -2.09 3.09 12.00
CA ILE A 33 -2.95 2.03 12.49
C ILE A 33 -2.16 1.15 13.45
N LEU A 34 -0.94 0.78 13.06
CA LEU A 34 -0.18 -0.24 13.70
C LEU A 34 0.83 0.28 14.68
N GLU A 35 1.11 1.56 14.59
CA GLU A 35 2.17 2.12 15.38
C GLU A 35 1.90 2.13 16.88
N PRO A 36 0.72 2.59 17.31
CA PRO A 36 0.34 2.43 18.72
C PRO A 36 0.50 0.98 19.20
N VAL A 37 -0.08 0.00 18.51
CA VAL A 37 0.13 -1.42 18.86
C VAL A 37 1.57 -1.87 18.91
N ALA A 38 2.34 -1.63 17.84
CA ALA A 38 3.70 -2.12 17.78
C ALA A 38 4.49 -1.51 18.94
N GLN A 39 4.19 -0.25 19.28
CA GLN A 39 4.86 0.43 20.40
C GLN A 39 4.57 -0.29 21.72
N GLN A 40 3.29 -0.38 22.12
CA GLN A 40 2.84 -1.09 23.31
C GLN A 40 3.35 -2.53 23.45
N ILE A 41 3.32 -3.31 22.38
CA ILE A 41 3.95 -4.65 22.37
C ILE A 41 5.44 -4.65 22.76
N SER A 42 6.23 -3.75 22.18
CA SER A 42 7.71 -3.72 22.31
C SER A 42 8.07 -3.46 23.74
N HIS A 43 7.22 -2.67 24.38
CA HIS A 43 7.34 -2.33 25.77
C HIS A 43 7.08 -3.62 26.48
N LEU A 44 5.85 -4.16 26.33
CA LEU A 44 5.41 -5.35 27.09
C LEU A 44 6.42 -6.46 27.05
N VAL A 45 7.09 -6.65 25.90
CA VAL A 45 8.18 -7.64 25.76
C VAL A 45 9.23 -7.28 26.81
N ILE A 46 10.29 -6.55 26.40
CA ILE A 46 11.18 -5.77 27.32
C ILE A 46 10.89 -5.91 28.83
N MET A 47 9.68 -5.51 29.26
CA MET A 47 9.16 -5.78 30.62
C MET A 47 9.23 -7.27 31.03
N HIS A 48 8.10 -7.97 30.94
CA HIS A 48 7.96 -9.38 31.36
C HIS A 48 8.98 -10.33 30.75
N GLU A 49 8.81 -10.63 29.45
CA GLU A 49 9.86 -11.29 28.67
C GLU A 49 11.16 -10.44 28.74
N GLU A 50 12.20 -10.86 28.03
CA GLU A 50 13.52 -10.25 28.16
C GLU A 50 13.97 -10.14 29.64
N GLY A 51 13.69 -11.18 30.42
CA GLY A 51 13.92 -11.15 31.87
C GLY A 51 13.10 -10.07 32.57
N GLU A 52 13.78 -9.22 33.35
CA GLU A 52 13.13 -8.08 34.03
C GLU A 52 11.97 -8.53 34.98
N VAL A 53 10.76 -8.00 34.78
CA VAL A 53 9.62 -8.22 35.71
C VAL A 53 9.11 -9.73 35.81
N ASP A 54 10.01 -10.60 36.34
CA ASP A 54 9.73 -11.99 36.70
C ASP A 54 8.96 -12.08 38.05
N GLY A 55 8.22 -13.16 38.27
CA GLY A 55 7.35 -13.26 39.47
C GLY A 55 6.40 -12.07 39.56
N LYS A 56 5.87 -11.72 38.39
CA LYS A 56 5.37 -10.38 38.07
C LYS A 56 3.91 -10.08 38.43
N ALA A 57 2.97 -10.79 37.78
CA ALA A 57 1.50 -10.65 37.99
C ALA A 57 0.82 -9.75 36.98
N ILE A 58 0.08 -10.39 36.07
CA ILE A 58 -0.71 -9.69 35.08
C ILE A 58 -2.16 -9.68 35.56
N PRO A 59 -2.86 -8.54 35.52
CA PRO A 59 -4.28 -8.52 35.93
C PRO A 59 -5.16 -9.31 34.98
N ASP A 60 -6.46 -9.19 35.17
CA ASP A 60 -7.41 -10.06 34.52
C ASP A 60 -7.88 -9.47 33.17
N LEU A 61 -7.65 -10.23 32.10
CA LEU A 61 -7.79 -9.70 30.74
C LEU A 61 -9.05 -10.08 29.99
N THR A 62 -9.92 -10.79 30.65
CA THR A 62 -11.18 -11.21 30.06
C THR A 62 -11.91 -10.18 29.23
N ALA A 63 -12.01 -8.96 29.73
CA ALA A 63 -12.84 -7.96 29.05
C ALA A 63 -12.12 -7.39 27.81
N PRO A 64 -10.92 -6.85 27.98
CA PRO A 64 -10.06 -6.47 26.84
C PRO A 64 -9.84 -7.55 25.74
N VAL A 65 -9.74 -8.81 26.12
CA VAL A 65 -9.51 -9.90 25.18
C VAL A 65 -10.76 -10.21 24.38
N SER A 66 -11.92 -10.07 25.01
CA SER A 66 -13.19 -10.21 24.29
C SER A 66 -13.38 -9.10 23.29
N ALA A 67 -13.17 -7.84 23.69
CA ALA A 67 -13.10 -6.70 22.75
C ALA A 67 -12.20 -6.99 21.51
N VAL A 68 -10.95 -7.40 21.75
CA VAL A 68 -10.06 -7.93 20.67
C VAL A 68 -10.72 -9.02 19.84
N GLN A 69 -11.40 -9.95 20.48
CA GLN A 69 -11.96 -11.09 19.77
C GLN A 69 -13.09 -10.68 18.82
N ALA A 70 -13.86 -9.68 19.22
CA ALA A 70 -14.91 -9.11 18.42
C ALA A 70 -14.23 -8.37 17.27
N ALA A 71 -13.31 -7.48 17.58
CA ALA A 71 -12.62 -6.73 16.52
C ALA A 71 -11.97 -7.62 15.45
N VAL A 72 -11.60 -8.84 15.82
CA VAL A 72 -11.14 -9.85 14.84
C VAL A 72 -12.28 -10.55 14.11
N SER A 73 -13.41 -10.75 14.76
CA SER A 73 -14.57 -11.15 13.99
C SER A 73 -14.85 -10.07 12.93
N ASN A 74 -15.02 -8.84 13.39
CA ASN A 74 -15.35 -7.79 12.47
C ASN A 74 -14.35 -7.59 11.33
N LEU A 75 -13.04 -7.70 11.62
CA LEU A 75 -12.00 -7.60 10.60
C LEU A 75 -12.09 -8.73 9.58
N VAL A 76 -12.36 -9.95 10.03
CA VAL A 76 -12.45 -11.08 9.12
C VAL A 76 -13.80 -11.00 8.30
N ARG A 77 -14.88 -10.54 8.94
CA ARG A 77 -16.12 -10.22 8.25
C ARG A 77 -15.78 -9.34 7.03
N VAL A 78 -15.48 -8.05 7.27
CA VAL A 78 -15.13 -7.12 6.20
C VAL A 78 -14.13 -7.69 5.18
N GLY A 79 -13.01 -8.23 5.62
CA GLY A 79 -12.03 -8.81 4.72
C GLY A 79 -12.53 -9.93 3.84
N LYS A 80 -13.38 -10.79 4.34
CA LYS A 80 -13.96 -11.83 3.49
C LYS A 80 -14.90 -11.24 2.38
N GLU A 81 -15.51 -10.08 2.67
CA GLU A 81 -16.23 -9.32 1.65
C GLU A 81 -15.23 -8.75 0.66
N THR A 82 -14.27 -7.99 1.14
CA THR A 82 -13.21 -7.55 0.26
C THR A 82 -12.73 -8.66 -0.69
N VAL A 83 -12.70 -9.91 -0.22
CA VAL A 83 -12.06 -10.99 -0.99
C VAL A 83 -12.95 -11.53 -2.10
N GLN A 84 -14.25 -11.59 -1.84
CA GLN A 84 -15.20 -12.19 -2.79
C GLN A 84 -15.74 -11.15 -3.79
N THR A 85 -15.52 -9.90 -3.46
CA THR A 85 -16.10 -8.77 -4.14
C THR A 85 -14.98 -7.96 -4.77
N THR A 86 -13.89 -8.65 -5.09
CA THR A 86 -12.76 -7.99 -5.68
C THR A 86 -12.44 -8.50 -7.09
N GLU A 87 -12.08 -7.51 -7.91
CA GLU A 87 -11.52 -7.67 -9.24
C GLU A 87 -10.08 -8.24 -9.17
N ASP A 88 -9.32 -7.88 -8.13
CA ASP A 88 -7.89 -8.20 -8.04
C ASP A 88 -7.68 -9.67 -7.68
N GLN A 89 -6.80 -10.30 -8.43
CA GLN A 89 -6.60 -11.75 -8.38
C GLN A 89 -5.53 -12.22 -7.40
N ILE A 90 -4.49 -11.40 -7.22
CA ILE A 90 -3.58 -11.54 -6.08
C ILE A 90 -4.30 -11.12 -4.75
N LEU A 91 -5.14 -10.09 -4.76
CA LEU A 91 -5.97 -9.87 -3.57
C LEU A 91 -6.76 -11.10 -3.08
N LYS A 92 -7.58 -11.70 -3.94
CA LYS A 92 -8.23 -12.98 -3.67
C LYS A 92 -7.39 -14.03 -2.96
N ARG A 93 -6.18 -14.27 -3.47
CA ARG A 93 -5.31 -15.39 -3.04
C ARG A 93 -4.48 -15.06 -1.79
N ASP A 94 -4.09 -13.78 -1.68
CA ASP A 94 -3.13 -13.31 -0.69
C ASP A 94 -3.68 -12.94 0.66
N MET A 95 -4.89 -12.38 0.65
CA MET A 95 -5.57 -11.96 1.84
C MET A 95 -5.88 -13.11 2.80
N PRO A 96 -6.69 -14.11 2.41
CA PRO A 96 -7.08 -15.24 3.31
C PRO A 96 -6.11 -15.77 4.40
N PRO A 97 -4.85 -16.10 4.06
CA PRO A 97 -3.84 -16.45 5.02
C PRO A 97 -3.70 -15.58 6.26
N ALA A 98 -3.83 -14.28 6.04
CA ALA A 98 -3.87 -13.24 7.06
C ALA A 98 -5.09 -13.41 7.96
N PHE A 99 -6.19 -13.94 7.42
CA PHE A 99 -7.39 -14.21 8.27
C PHE A 99 -7.11 -15.37 9.24
N ILE A 100 -6.31 -16.33 8.77
CA ILE A 100 -5.88 -17.49 9.49
C ILE A 100 -4.84 -17.11 10.52
N LYS A 101 -4.07 -16.09 10.24
CA LYS A 101 -3.03 -15.68 11.14
C LYS A 101 -3.61 -14.92 12.32
N VAL A 102 -4.69 -14.19 12.10
CA VAL A 102 -5.23 -13.30 13.14
C VAL A 102 -6.17 -14.07 14.06
N GLU A 103 -6.95 -14.98 13.50
CA GLU A 103 -7.79 -15.92 14.24
C GLU A 103 -6.99 -16.80 15.19
N ASN A 104 -5.90 -17.39 14.66
CA ASN A 104 -4.99 -18.15 15.47
C ASN A 104 -4.46 -17.33 16.63
N ALA A 105 -3.83 -16.18 16.34
CA ALA A 105 -3.36 -15.29 17.39
C ALA A 105 -4.47 -14.95 18.45
N CYS A 106 -5.70 -14.70 18.02
CA CYS A 106 -6.89 -14.46 18.97
C CYS A 106 -7.11 -15.65 19.90
N THR A 107 -7.01 -16.85 19.34
CA THR A 107 -7.09 -18.09 20.09
C THR A 107 -6.09 -18.07 21.27
N LYS A 108 -4.82 -17.80 20.98
CA LYS A 108 -3.78 -17.68 22.03
C LYS A 108 -4.16 -16.62 23.10
N LEU A 109 -4.63 -15.47 22.67
CA LEU A 109 -5.08 -14.42 23.57
C LEU A 109 -6.21 -14.94 24.50
N VAL A 110 -7.19 -15.66 23.97
CA VAL A 110 -8.23 -16.30 24.78
C VAL A 110 -7.72 -17.37 25.77
N ARG A 111 -6.88 -18.33 25.38
CA ARG A 111 -6.23 -19.17 26.41
C ARG A 111 -5.43 -18.32 27.41
N ALA A 112 -4.65 -17.35 26.92
CA ALA A 112 -3.92 -16.43 27.82
C ALA A 112 -4.78 -15.88 28.98
N ALA A 113 -5.98 -15.38 28.66
CA ALA A 113 -6.83 -14.72 29.62
C ALA A 113 -7.54 -15.70 30.54
N GLN A 114 -7.70 -16.95 30.10
CA GLN A 114 -8.30 -18.00 30.92
C GLN A 114 -7.26 -18.38 31.94
N MET A 115 -6.04 -18.61 31.47
CA MET A 115 -4.96 -19.05 32.32
C MET A 115 -4.70 -18.01 33.41
N LEU A 116 -4.37 -16.78 33.01
CA LEU A 116 -4.31 -15.59 33.91
C LEU A 116 -5.49 -15.42 34.89
N GLN A 117 -6.67 -15.89 34.56
CA GLN A 117 -7.77 -15.74 35.51
C GLN A 117 -7.58 -16.69 36.72
N ALA A 118 -6.89 -17.80 36.46
CA ALA A 118 -6.71 -18.86 37.43
C ALA A 118 -5.34 -18.73 38.14
N ASP A 119 -4.40 -18.07 37.46
CA ASP A 119 -3.08 -17.81 38.00
C ASP A 119 -2.46 -16.55 37.37
N PRO A 120 -2.68 -15.38 38.00
CA PRO A 120 -2.04 -14.13 37.57
C PRO A 120 -0.54 -14.26 37.31
N TYR A 121 0.13 -15.24 37.90
CA TYR A 121 1.59 -15.36 37.80
C TYR A 121 2.04 -16.35 36.74
N SER A 122 1.07 -16.85 35.98
CA SER A 122 1.24 -17.90 34.96
C SER A 122 2.24 -17.53 33.86
N VAL A 123 3.33 -18.29 33.73
CA VAL A 123 4.35 -17.88 32.77
C VAL A 123 4.08 -18.38 31.34
N PRO A 124 3.36 -19.49 31.17
CA PRO A 124 2.82 -19.86 29.89
C PRO A 124 1.86 -18.81 29.41
N ALA A 125 0.98 -18.29 30.28
CA ALA A 125 -0.02 -17.34 29.86
C ALA A 125 0.62 -16.06 29.35
N ARG A 126 1.66 -15.60 30.01
CA ARG A 126 2.26 -14.35 29.60
C ARG A 126 2.81 -14.52 28.19
N ASP A 127 3.47 -15.64 27.94
CA ASP A 127 4.05 -16.02 26.66
C ASP A 127 3.07 -16.14 25.50
N TYR A 128 1.83 -16.50 25.80
CA TYR A 128 0.78 -16.70 24.85
C TYR A 128 0.30 -15.34 24.48
N LEU A 129 0.26 -14.47 25.49
CA LEU A 129 -0.16 -13.08 25.33
C LEU A 129 0.86 -12.28 24.52
N ILE A 130 2.14 -12.61 24.58
CA ILE A 130 3.11 -11.93 23.77
C ILE A 130 2.93 -12.41 22.32
N ASP A 131 3.18 -13.70 22.07
CA ASP A 131 2.86 -14.34 20.78
C ASP A 131 1.44 -14.00 20.29
N GLY A 132 0.43 -14.15 21.11
CA GLY A 132 -0.90 -13.66 20.69
C GLY A 132 -0.89 -12.27 20.10
N SER A 133 -0.39 -11.28 20.84
CA SER A 133 -0.30 -9.86 20.41
C SER A 133 0.53 -9.64 19.16
N ARG A 134 1.67 -10.33 19.12
CA ARG A 134 2.59 -10.30 17.99
C ARG A 134 1.92 -10.81 16.75
N GLY A 135 1.34 -12.00 16.83
CA GLY A 135 0.54 -12.50 15.71
C GLY A 135 -0.68 -11.62 15.35
N ILE A 136 -1.23 -10.85 16.28
CA ILE A 136 -2.28 -9.91 15.82
C ILE A 136 -1.63 -8.77 15.04
N LEU A 137 -0.65 -8.10 15.61
CA LEU A 137 0.09 -7.13 14.82
C LEU A 137 0.53 -7.64 13.43
N SER A 138 1.10 -8.81 13.37
CA SER A 138 1.75 -9.25 12.13
C SER A 138 0.70 -9.74 11.09
N GLY A 139 -0.33 -10.43 11.54
CA GLY A 139 -1.39 -10.74 10.61
C GLY A 139 -2.09 -9.51 10.04
N THR A 140 -2.11 -8.43 10.77
CA THR A 140 -2.84 -7.27 10.28
C THR A 140 -1.89 -6.44 9.48
N SER A 141 -0.65 -6.38 9.88
CA SER A 141 0.36 -5.94 8.92
C SER A 141 0.18 -6.61 7.58
N ASP A 142 0.03 -7.95 7.58
CA ASP A 142 -0.06 -8.71 6.32
C ASP A 142 -1.26 -8.34 5.51
N LEU A 143 -2.38 -8.19 6.21
CA LEU A 143 -3.61 -7.86 5.61
C LEU A 143 -3.52 -6.47 5.03
N LEU A 144 -2.80 -5.56 5.66
CA LEU A 144 -2.72 -4.19 5.18
C LEU A 144 -1.70 -4.07 4.01
N LEU A 145 -0.62 -4.86 4.03
CA LEU A 145 0.33 -4.86 2.91
C LEU A 145 -0.31 -5.39 1.68
N THR A 146 -0.98 -6.51 1.79
CA THR A 146 -1.77 -7.11 0.71
C THR A 146 -2.84 -6.15 0.12
N PHE A 147 -3.62 -5.49 0.96
CA PHE A 147 -4.53 -4.44 0.48
C PHE A 147 -3.83 -3.31 -0.24
N ASP A 148 -2.66 -2.86 0.24
CA ASP A 148 -1.85 -1.77 -0.35
C ASP A 148 -1.20 -2.15 -1.69
N GLU A 149 -0.65 -3.36 -1.78
CA GLU A 149 -0.20 -3.90 -3.05
C GLU A 149 -1.27 -3.79 -4.13
N ALA A 150 -2.49 -4.26 -3.81
CA ALA A 150 -3.67 -4.09 -4.64
C ALA A 150 -3.85 -2.66 -5.15
N GLU A 151 -3.97 -1.71 -4.22
CA GLU A 151 -4.06 -0.27 -4.54
C GLU A 151 -2.93 0.26 -5.43
N VAL A 152 -1.71 -0.21 -5.19
CA VAL A 152 -0.58 0.17 -6.03
C VAL A 152 -0.81 -0.33 -7.45
N ARG A 153 -1.28 -1.55 -7.61
CA ARG A 153 -1.57 -2.13 -8.93
C ARG A 153 -2.59 -1.33 -9.80
N LYS A 154 -3.52 -0.62 -9.14
CA LYS A 154 -4.47 0.27 -9.79
C LYS A 154 -3.80 1.53 -10.34
N ILE A 155 -2.68 1.94 -9.75
CA ILE A 155 -1.92 3.05 -10.28
C ILE A 155 -1.02 2.54 -11.39
N ILE A 156 -0.53 1.31 -11.25
CA ILE A 156 0.31 0.68 -12.26
C ILE A 156 -0.44 0.44 -13.59
N ARG A 157 -1.73 0.09 -13.51
CA ARG A 157 -2.61 -0.06 -14.66
C ARG A 157 -2.78 1.25 -15.45
N VAL A 158 -3.09 2.34 -14.76
CA VAL A 158 -3.05 3.67 -15.37
C VAL A 158 -1.68 3.95 -16.04
N CYS A 159 -0.59 3.71 -15.34
CA CYS A 159 0.76 3.90 -15.89
C CYS A 159 1.04 3.05 -17.11
N LYS A 160 0.64 1.80 -17.08
CA LYS A 160 0.90 0.86 -18.18
C LYS A 160 0.10 1.12 -19.46
N GLY A 161 -1.05 1.77 -19.33
CA GLY A 161 -1.95 2.01 -20.44
C GLY A 161 -1.52 3.27 -21.15
N ILE A 162 -0.98 4.21 -20.38
CA ILE A 162 -0.35 5.40 -20.91
C ILE A 162 0.92 5.00 -21.66
N LEU A 163 1.65 4.02 -21.15
CA LEU A 163 2.87 3.53 -21.82
C LEU A 163 2.49 2.85 -23.16
N GLU A 164 1.38 2.10 -23.15
CA GLU A 164 0.81 1.44 -24.30
C GLU A 164 0.42 2.43 -25.39
N TYR A 165 -0.13 3.55 -24.97
CA TYR A 165 -0.60 4.64 -25.85
C TYR A 165 0.53 5.50 -26.40
N LEU A 166 1.64 5.58 -25.68
CA LEU A 166 2.83 6.20 -26.16
C LEU A 166 3.48 5.39 -27.31
N THR A 167 3.03 4.18 -27.49
CA THR A 167 3.64 3.16 -28.37
C THR A 167 3.14 3.42 -29.82
N VAL A 168 2.03 4.15 -29.83
CA VAL A 168 1.12 4.34 -30.91
C VAL A 168 1.31 5.79 -31.46
N ALA A 169 2.15 6.61 -30.81
CA ALA A 169 2.38 8.02 -31.18
C ALA A 169 3.05 8.09 -32.58
N GLU A 170 3.93 7.12 -32.78
CA GLU A 170 4.58 6.70 -34.00
C GLU A 170 3.70 6.61 -35.28
N VAL A 171 2.40 6.39 -35.10
CA VAL A 171 1.45 6.15 -36.19
C VAL A 171 0.58 7.38 -36.48
N VAL A 172 0.66 8.41 -35.65
CA VAL A 172 -0.02 9.64 -35.97
C VAL A 172 0.69 10.30 -37.15
N GLU A 173 -0.12 10.74 -38.13
CA GLU A 173 0.42 11.25 -39.40
C GLU A 173 -0.34 12.41 -39.99
N THR A 174 -1.54 12.62 -39.49
CA THR A 174 -2.44 13.63 -39.97
C THR A 174 -2.60 14.52 -38.80
N MET A 175 -2.98 15.78 -39.02
CA MET A 175 -3.46 16.62 -37.94
C MET A 175 -4.72 16.14 -37.26
N GLU A 176 -5.53 15.32 -37.92
CA GLU A 176 -6.77 14.86 -37.28
C GLU A 176 -6.48 13.71 -36.31
N ASP A 177 -5.60 12.78 -36.70
CA ASP A 177 -5.09 11.79 -35.78
C ASP A 177 -4.43 12.39 -34.54
N LEU A 178 -3.74 13.51 -34.69
CA LEU A 178 -3.05 14.17 -33.59
C LEU A 178 -4.05 14.86 -32.68
N VAL A 179 -5.07 15.48 -33.25
CA VAL A 179 -6.18 16.00 -32.42
C VAL A 179 -6.82 14.86 -31.60
N THR A 180 -7.12 13.74 -32.24
CA THR A 180 -7.67 12.53 -31.62
C THR A 180 -6.74 11.98 -30.56
N TYR A 181 -5.44 11.99 -30.85
CA TYR A 181 -4.44 11.38 -30.00
C TYR A 181 -4.24 12.20 -28.76
N THR A 182 -4.14 13.50 -28.94
CA THR A 182 -4.05 14.45 -27.84
C THR A 182 -5.27 14.44 -26.91
N LYS A 183 -6.42 13.92 -27.36
CA LYS A 183 -7.70 14.08 -26.64
C LYS A 183 -7.97 12.84 -25.82
N ASN A 184 -7.57 11.68 -26.34
CA ASN A 184 -7.52 10.45 -25.57
C ASN A 184 -6.40 10.53 -24.49
N LEU A 185 -5.16 10.88 -24.88
CA LEU A 185 -4.03 11.05 -23.91
C LEU A 185 -4.19 12.16 -22.89
N GLY A 186 -5.38 12.72 -22.75
CA GLY A 186 -5.55 13.87 -21.87
C GLY A 186 -5.96 13.39 -20.48
N PRO A 187 -7.23 12.96 -20.34
CA PRO A 187 -7.66 12.11 -19.25
C PRO A 187 -6.54 11.28 -18.63
N GLY A 188 -5.78 10.58 -19.48
CA GLY A 188 -4.86 9.55 -19.02
C GLY A 188 -3.78 10.09 -18.13
N MET A 189 -3.17 11.18 -18.58
CA MET A 189 -2.05 11.84 -17.91
C MET A 189 -2.53 12.62 -16.68
N THR A 190 -3.68 13.28 -16.81
CA THR A 190 -4.38 13.94 -15.72
C THR A 190 -4.65 13.00 -14.55
N LYS A 191 -5.18 11.82 -14.83
CA LYS A 191 -5.37 10.75 -13.84
C LYS A 191 -4.06 10.19 -13.29
N MET A 192 -3.13 9.78 -14.16
CA MET A 192 -1.82 9.31 -13.65
C MET A 192 -1.25 10.31 -12.63
N ALA A 193 -1.36 11.59 -12.95
CA ALA A 193 -0.69 12.62 -12.21
C ALA A 193 -1.33 12.81 -10.85
N LYS A 194 -2.64 12.67 -10.79
CA LYS A 194 -3.41 12.86 -9.57
C LYS A 194 -3.20 11.65 -8.64
N MET A 195 -2.75 10.53 -9.22
CA MET A 195 -2.64 9.31 -8.50
C MET A 195 -1.30 9.35 -7.81
N ILE A 196 -0.22 9.49 -8.61
CA ILE A 196 1.12 9.63 -8.09
C ILE A 196 1.27 10.75 -7.10
N ASP A 197 0.50 11.82 -7.26
CA ASP A 197 0.68 12.98 -6.39
C ASP A 197 0.20 12.54 -5.02
N GLU A 198 -1.10 12.22 -4.92
CA GLU A 198 -1.76 11.62 -3.74
C GLU A 198 -1.04 10.40 -3.14
N ARG A 199 -0.49 9.50 -3.95
CA ARG A 199 0.27 8.37 -3.43
C ARG A 199 1.52 8.87 -2.72
N GLN A 200 2.21 9.81 -3.34
CA GLN A 200 3.47 10.33 -2.86
C GLN A 200 3.28 10.89 -1.42
N GLN A 201 2.12 11.50 -1.15
CA GLN A 201 1.79 12.08 0.14
C GLN A 201 1.71 11.06 1.29
N GLU A 202 1.09 9.90 0.99
CA GLU A 202 1.00 8.74 1.89
C GLU A 202 2.33 8.02 2.16
N LEU A 203 3.38 8.41 1.46
CA LEU A 203 4.63 7.76 1.68
C LEU A 203 5.38 8.34 2.85
N THR A 204 6.17 7.42 3.40
CA THR A 204 6.78 7.44 4.70
C THR A 204 8.29 7.39 4.46
N HIS A 205 8.70 6.94 3.27
CA HIS A 205 10.10 7.07 2.86
C HIS A 205 10.30 8.28 1.93
N GLN A 206 11.03 9.27 2.43
CA GLN A 206 11.37 10.46 1.66
C GLN A 206 12.19 10.24 0.35
N GLU A 207 13.07 9.24 0.29
CA GLU A 207 13.81 8.94 -0.93
C GLU A 207 12.84 8.43 -2.00
N HIS A 208 11.66 8.00 -1.56
CA HIS A 208 10.63 7.45 -2.45
C HIS A 208 9.66 8.51 -2.93
N ARG A 209 9.21 9.41 -2.06
CA ARG A 209 8.45 10.57 -2.49
C ARG A 209 9.25 11.46 -3.47
N VAL A 210 10.57 11.55 -3.31
CA VAL A 210 11.38 12.46 -4.10
C VAL A 210 11.30 11.95 -5.48
N MET A 211 11.58 10.65 -5.59
CA MET A 211 11.66 9.91 -6.82
C MET A 211 10.37 9.97 -7.68
N LEU A 212 9.26 9.60 -7.08
CA LEU A 212 7.96 9.76 -7.71
C LEU A 212 7.70 11.16 -8.27
N VAL A 213 8.05 12.17 -7.50
CA VAL A 213 7.64 13.53 -7.81
C VAL A 213 8.49 14.11 -8.95
N ASN A 214 9.79 13.98 -8.83
CA ASN A 214 10.68 14.25 -9.91
C ASN A 214 10.23 13.62 -11.19
N SER A 215 9.83 12.35 -11.14
CA SER A 215 9.48 11.59 -12.36
C SER A 215 8.23 12.15 -12.94
N MET A 216 7.25 12.42 -12.08
CA MET A 216 6.01 12.97 -12.53
C MET A 216 6.21 14.39 -13.07
N ASN A 217 7.21 15.10 -12.56
CA ASN A 217 7.51 16.46 -13.06
C ASN A 217 8.11 16.36 -14.47
N THR A 218 9.12 15.51 -14.66
CA THR A 218 9.71 15.23 -15.95
C THR A 218 8.64 14.85 -16.99
N VAL A 219 7.82 13.85 -16.67
CA VAL A 219 6.65 13.43 -17.47
C VAL A 219 5.74 14.60 -17.85
N LYS A 220 5.29 15.36 -16.87
CA LYS A 220 4.32 16.44 -17.10
C LYS A 220 4.83 17.53 -18.01
N GLU A 221 6.15 17.69 -18.03
CA GLU A 221 6.72 18.83 -18.72
C GLU A 221 7.06 18.37 -20.16
N LEU A 222 7.35 17.08 -20.31
CA LEU A 222 7.59 16.46 -21.60
C LEU A 222 6.30 16.21 -22.44
N LEU A 223 5.13 16.26 -21.81
CA LEU A 223 3.89 16.03 -22.53
C LEU A 223 3.72 17.03 -23.68
N PRO A 224 3.83 18.35 -23.42
CA PRO A 224 3.75 19.36 -24.49
C PRO A 224 4.93 19.28 -25.45
N VAL A 225 6.06 18.80 -24.94
CA VAL A 225 7.21 18.54 -25.82
C VAL A 225 6.87 17.44 -26.81
N LEU A 226 6.19 16.38 -26.39
CA LEU A 226 5.68 15.30 -27.29
C LEU A 226 4.66 15.82 -28.36
N ILE A 227 3.57 16.45 -27.92
CA ILE A 227 2.65 17.10 -28.81
C ILE A 227 3.24 18.09 -29.82
N SER A 228 4.11 19.00 -29.38
CA SER A 228 4.90 19.84 -30.32
C SER A 228 5.72 19.03 -31.35
N ALA A 229 6.31 17.91 -30.91
CA ALA A 229 7.24 17.09 -31.75
C ALA A 229 6.46 16.25 -32.79
N MET A 230 5.21 15.93 -32.47
CA MET A 230 4.34 15.22 -33.39
C MET A 230 3.74 16.24 -34.32
N LYS A 231 3.36 17.41 -33.84
CA LYS A 231 2.99 18.52 -34.71
C LYS A 231 4.10 18.87 -35.72
N ILE A 232 5.32 19.08 -35.24
CA ILE A 232 6.44 19.22 -36.16
C ILE A 232 6.43 18.12 -37.20
N PHE A 233 6.19 16.87 -36.77
CA PHE A 233 6.25 15.68 -37.62
C PHE A 233 5.14 15.56 -38.64
N VAL A 234 3.90 15.69 -38.19
CA VAL A 234 2.75 15.74 -39.09
C VAL A 234 2.97 16.83 -40.17
N THR A 235 3.55 17.96 -39.78
CA THR A 235 3.72 19.11 -40.65
C THR A 235 4.82 18.99 -41.75
N THR A 236 5.89 18.25 -41.50
CA THR A 236 6.82 17.91 -42.59
C THR A 236 6.41 16.60 -43.33
N LYS A 237 5.35 15.95 -42.86
CA LYS A 237 4.89 14.71 -43.51
C LYS A 237 3.61 14.98 -44.28
N ASN A 238 3.41 16.26 -44.62
CA ASN A 238 2.21 16.76 -45.31
C ASN A 238 2.57 18.04 -46.09
N THR A 239 3.79 18.52 -45.85
CA THR A 239 4.48 19.48 -46.69
C THR A 239 5.53 18.67 -47.45
N LYS A 240 5.04 17.63 -48.11
CA LYS A 240 5.79 16.64 -48.93
C LYS A 240 7.34 16.50 -48.89
N SER A 241 8.06 17.18 -47.96
CA SER A 241 9.51 16.86 -47.76
C SER A 241 10.24 17.25 -46.43
N GLN A 242 10.72 18.51 -46.34
CA GLN A 242 11.64 19.00 -45.27
C GLN A 242 12.73 18.01 -44.77
N GLY A 243 13.16 18.23 -43.52
CA GLY A 243 13.95 17.26 -42.74
C GLY A 243 13.06 16.41 -41.83
N ILE A 244 12.54 15.31 -42.36
CA ILE A 244 11.65 14.40 -41.64
C ILE A 244 12.37 13.34 -40.77
N GLU A 245 13.61 12.97 -41.07
CA GLU A 245 14.39 12.09 -40.17
C GLU A 245 14.48 12.80 -38.85
N GLU A 246 14.93 14.03 -38.92
CA GLU A 246 15.24 14.80 -37.76
C GLU A 246 14.00 14.97 -36.88
N ALA A 247 12.85 15.13 -37.50
CA ALA A 247 11.61 15.40 -36.76
C ALA A 247 11.15 14.14 -36.03
N LEU A 248 11.34 13.00 -36.67
CA LEU A 248 10.87 11.74 -36.14
C LEU A 248 11.74 11.25 -34.97
N LYS A 249 13.03 11.54 -35.00
CA LYS A 249 13.87 11.06 -33.94
C LYS A 249 13.78 11.88 -32.68
N ASN A 250 13.53 13.15 -32.85
CA ASN A 250 13.14 13.90 -31.67
C ASN A 250 11.87 13.41 -31.04
N ARG A 251 10.89 12.99 -31.85
CA ARG A 251 9.61 12.44 -31.36
C ARG A 251 9.90 11.13 -30.63
N ASN A 252 10.72 10.31 -31.23
CA ASN A 252 11.13 9.04 -30.67
C ASN A 252 11.92 9.17 -29.37
N PHE A 253 12.66 10.27 -29.22
CA PHE A 253 13.42 10.55 -28.00
C PHE A 253 12.46 11.01 -26.88
N THR A 254 11.58 11.94 -27.16
CA THR A 254 10.52 12.30 -26.18
C THR A 254 9.74 11.09 -25.66
N VAL A 255 9.24 10.24 -26.55
CA VAL A 255 8.55 9.03 -26.26
C VAL A 255 9.37 8.04 -25.41
N GLU A 256 10.66 7.89 -25.69
CA GLU A 256 11.50 7.01 -24.91
C GLU A 256 11.77 7.62 -23.53
N LYS A 257 12.06 8.91 -23.44
CA LYS A 257 12.20 9.57 -22.13
C LYS A 257 10.93 9.48 -21.29
N MET A 258 9.76 9.61 -21.90
CA MET A 258 8.52 9.55 -21.12
C MET A 258 8.34 8.13 -20.58
N SER A 259 8.48 7.16 -21.50
CA SER A 259 8.42 5.74 -21.17
C SER A 259 9.28 5.34 -20.00
N ALA A 260 10.59 5.59 -20.11
CA ALA A 260 11.58 5.40 -19.02
C ALA A 260 11.20 6.08 -17.69
N GLU A 261 10.74 7.31 -17.73
CA GLU A 261 10.27 7.88 -16.48
C GLU A 261 9.11 7.08 -15.91
N ILE A 262 8.14 6.69 -16.75
CA ILE A 262 6.91 5.97 -16.33
C ILE A 262 7.25 4.61 -15.78
N ASN A 263 8.28 3.98 -16.35
CA ASN A 263 8.76 2.70 -15.87
C ASN A 263 9.42 2.76 -14.51
N GLU A 264 9.97 3.91 -14.18
CA GLU A 264 10.57 4.20 -12.90
C GLU A 264 9.40 4.43 -11.89
N ILE A 265 8.50 5.34 -12.21
CA ILE A 265 7.29 5.44 -11.41
C ILE A 265 6.73 4.04 -11.00
N ILE A 266 6.49 3.14 -11.95
CA ILE A 266 6.02 1.79 -11.66
C ILE A 266 7.00 1.03 -10.73
N ARG A 267 8.28 1.35 -10.79
CA ARG A 267 9.23 0.55 -10.06
C ARG A 267 9.18 1.10 -8.63
N VAL A 268 9.40 2.38 -8.52
CA VAL A 268 9.49 3.01 -7.23
C VAL A 268 8.16 2.85 -6.46
N LEU A 269 7.02 2.68 -7.15
CA LEU A 269 5.75 2.45 -6.43
C LEU A 269 5.71 1.11 -5.67
N GLN A 270 6.55 0.18 -6.10
CA GLN A 270 6.53 -1.19 -5.62
C GLN A 270 7.50 -1.38 -4.46
N LEU A 271 8.31 -0.35 -4.25
CA LEU A 271 9.26 -0.30 -3.16
C LEU A 271 8.54 -0.14 -1.84
N THR A 272 9.03 -0.86 -0.84
CA THR A 272 8.39 -0.84 0.46
C THR A 272 9.43 -0.74 1.59
N SER A 273 10.65 -1.21 1.25
CA SER A 273 11.78 -1.50 2.16
C SER A 273 11.47 -2.66 3.14
N SER B 5 -10.76 0.94 -0.46
CA SER B 5 -11.30 2.19 0.16
C SER B 5 -11.21 2.21 1.71
N ARG B 6 -12.34 2.06 2.41
CA ARG B 6 -12.41 2.51 3.81
C ARG B 6 -12.75 1.43 4.87
N LYS B 7 -13.79 0.63 4.64
CA LYS B 7 -14.39 -0.26 5.65
C LYS B 7 -13.40 -1.26 6.25
N LEU B 8 -12.51 -1.78 5.42
CA LEU B 8 -11.38 -2.62 5.83
C LEU B 8 -10.35 -1.88 6.71
N LEU B 9 -9.92 -0.69 6.28
CA LEU B 9 -8.98 0.10 7.05
C LEU B 9 -9.52 0.55 8.42
N SER B 10 -10.82 0.76 8.56
CA SER B 10 -11.32 1.06 9.93
C SER B 10 -11.44 -0.22 10.82
N ALA B 11 -11.82 -1.34 10.21
CA ALA B 11 -11.87 -2.59 10.92
C ALA B 11 -10.51 -2.97 11.46
N ALA B 12 -9.47 -2.76 10.65
CA ALA B 12 -8.10 -3.00 11.07
C ALA B 12 -7.68 -2.09 12.21
N LYS B 13 -8.18 -0.85 12.19
CA LYS B 13 -7.79 0.15 13.17
C LYS B 13 -8.39 -0.21 14.50
N ILE B 14 -9.71 -0.35 14.49
CA ILE B 14 -10.48 -0.87 15.63
C ILE B 14 -9.81 -2.13 16.21
N LEU B 15 -9.34 -3.03 15.37
CA LEU B 15 -8.63 -4.19 15.94
C LEU B 15 -7.33 -3.75 16.58
N ALA B 16 -6.58 -2.89 15.92
CA ALA B 16 -5.32 -2.44 16.49
C ALA B 16 -5.53 -1.65 17.81
N ASP B 17 -6.58 -0.82 17.85
CA ASP B 17 -6.94 -0.09 19.09
C ASP B 17 -7.09 -1.09 20.19
N ALA B 18 -7.98 -2.05 19.95
CA ALA B 18 -8.38 -3.03 20.93
C ALA B 18 -7.19 -3.84 21.42
N THR B 19 -6.31 -4.27 20.50
CA THR B 19 -5.14 -5.09 20.92
C THR B 19 -4.32 -4.25 21.86
N ALA B 20 -4.15 -2.96 21.54
CA ALA B 20 -3.37 -1.99 22.36
C ALA B 20 -4.04 -1.69 23.73
N LYS B 21 -5.34 -1.50 23.72
CA LYS B 21 -6.02 -1.37 24.98
C LYS B 21 -5.87 -2.66 25.79
N MET B 22 -5.92 -3.82 25.13
CA MET B 22 -5.67 -5.07 25.87
C MET B 22 -4.27 -5.15 26.43
N VAL B 23 -3.25 -4.70 25.70
CA VAL B 23 -1.87 -4.80 26.23
C VAL B 23 -1.53 -3.66 27.20
N GLU B 24 -2.27 -2.54 27.14
CA GLU B 24 -2.30 -1.56 28.25
C GLU B 24 -2.75 -2.32 29.49
N ALA B 25 -3.97 -2.86 29.47
CA ALA B 25 -4.53 -3.53 30.62
C ALA B 25 -3.48 -4.44 31.30
N ALA B 26 -2.68 -5.17 30.51
CA ALA B 26 -1.68 -6.16 30.99
C ALA B 26 -0.50 -5.55 31.77
N LYS B 27 -0.69 -4.27 32.08
CA LYS B 27 0.33 -3.25 32.39
C LYS B 27 1.00 -2.58 31.20
N GLY B 28 2.23 -2.95 30.81
CA GLY B 28 2.88 -2.28 29.65
C GLY B 28 1.99 -1.68 28.55
#